data_6YA6
#
_entry.id   6YA6
#
_cell.length_a   61.640
_cell.length_b   61.640
_cell.length_c   233.910
_cell.angle_alpha   90.000
_cell.angle_beta   90.000
_cell.angle_gamma   90.000
#
_symmetry.space_group_name_H-M   'P 41 21 2'
#
loop_
_entity.id
_entity.type
_entity.pdbx_description
1 polymer 'Cell division cycle 7-related protein kinase,Cell division cycle 7-related protein kinase,Cell division cycle 7-related protein kinase'
2 polymer 'Protein DBF4 homolog A'
3 non-polymer 8-chloro-2-[(2S)-pyrrolidin-2-yl][1]benzofuro[3,2-d]pyrimidin-4(3H)-one
4 non-polymer 'ZINC ION'
5 non-polymer DI(HYDROXYETHYL)ETHER
6 non-polymer 'BORIC ACID'
7 non-polymer 'CHLORIDE ION'
8 non-polymer IMIDAZOLE
9 water water
#
loop_
_entity_poly.entity_id
_entity_poly.type
_entity_poly.pdbx_seq_one_letter_code
_entity_poly.pdbx_strand_id
1 'polypeptide(L)'
;MLAGVKKDIEKLYEAVPQLSNVFKIEDKIGEGTFSSVYLATAQLQVGPEEKIALKHLIPTSHPIRIAAELQCLTVAGGQD
NVMGVKYCFRKNDHVVIAMPYLEHESFLDILNSLSFQEVREYMLNLFKALKRIHQFGIVHRDVKPSNFLYNRRLKKYALV
DFGLAQGTHDTKIELLKFVQSEAQQERCSQNKPASLTCDCYATDKVCSICLSRRQQVAPRAGTPGFRAPEVLTKCPNQTT
AIDMWSAGVIFLSLLSGRYPFYKASDDLTALAQIMTIRGSRETIQAAKTFGKSILCSKEVPAQDLRKLCERLRGAGAGGW
NEVPDEAYDLLDKLLDLNPASRITAEEALLHPFFKDMSL
;
A
2 'polypeptide(L)'
;GPGTRTGRLKKPFVKVEDM(SEP)QLYRPFYLQLTNMPFINYSIQKPCSPFDVDKPSSMQKQTQVKLRIQTDGDKYGGTS
IQLQLKEKKKKGYCECCLQKYEDLETHLLSEQHRNFAQSNQYQVVDDIVSKLVFDFVEYEKDTPKKKR
;
B
#
# COMPACT_ATOMS: atom_id res chain seq x y z
N ALA A 3 26.09 -3.48 10.25
CA ALA A 3 26.93 -4.53 9.67
C ALA A 3 26.21 -5.23 8.53
N GLY A 4 24.95 -5.61 8.75
CA GLY A 4 24.15 -6.13 7.67
C GLY A 4 23.83 -5.06 6.64
N VAL A 5 23.48 -3.86 7.10
CA VAL A 5 23.30 -2.73 6.20
C VAL A 5 24.61 -2.39 5.49
N LYS A 6 25.74 -2.52 6.20
CA LYS A 6 27.04 -2.26 5.58
C LYS A 6 27.30 -3.19 4.42
N LYS A 7 26.98 -4.47 4.58
CA LYS A 7 27.18 -5.42 3.49
C LYS A 7 26.20 -5.18 2.36
N ASP A 8 24.94 -4.85 2.71
CA ASP A 8 23.96 -4.48 1.69
C ASP A 8 24.47 -3.34 0.83
N ILE A 9 25.04 -2.31 1.45
CA ILE A 9 25.54 -1.16 0.72
C ILE A 9 26.70 -1.57 -0.18
N GLU A 10 27.63 -2.37 0.34
CA GLU A 10 28.73 -2.83 -0.48
C GLU A 10 28.23 -3.62 -1.69
N LYS A 11 27.23 -4.46 -1.50
CA LYS A 11 26.71 -5.25 -2.62
C LYS A 11 25.93 -4.38 -3.60
N LEU A 12 25.38 -3.26 -3.14
CA LEU A 12 24.68 -2.36 -4.06
C LEU A 12 25.66 -1.68 -5.01
N TYR A 13 26.80 -1.19 -4.50
CA TYR A 13 27.82 -0.64 -5.39
C TYR A 13 28.32 -1.70 -6.36
N GLU A 14 28.42 -2.94 -5.90
CA GLU A 14 28.88 -4.02 -6.78
C GLU A 14 27.87 -4.29 -7.87
N ALA A 15 26.58 -4.23 -7.54
CA ALA A 15 25.52 -4.54 -8.49
C ALA A 15 25.38 -3.45 -9.55
N VAL A 16 25.57 -2.20 -9.16
CA VAL A 16 25.43 -1.05 -10.07
C VAL A 16 26.68 -0.18 -9.92
N PRO A 17 27.79 -0.57 -10.55
CA PRO A 17 29.08 0.09 -10.28
C PRO A 17 29.11 1.57 -10.60
N GLN A 18 28.27 2.05 -11.53
CA GLN A 18 28.27 3.49 -11.80
C GLN A 18 27.96 4.30 -10.54
N LEU A 19 27.21 3.72 -9.59
CA LEU A 19 26.91 4.49 -8.37
C LEU A 19 28.16 4.92 -7.64
N SER A 20 29.22 4.12 -7.71
CA SER A 20 30.44 4.40 -6.96
C SER A 20 31.10 5.70 -7.36
N ASN A 21 30.86 6.17 -8.58
CA ASN A 21 31.47 7.39 -9.08
C ASN A 21 30.56 8.60 -8.97
N VAL A 22 29.39 8.43 -8.37
CA VAL A 22 28.41 9.51 -8.24
C VAL A 22 27.98 9.73 -6.79
N PHE A 23 27.72 8.65 -6.05
CA PHE A 23 27.07 8.76 -4.75
C PHE A 23 27.94 8.18 -3.64
N LYS A 24 27.83 8.80 -2.47
CA LYS A 24 28.30 8.21 -1.22
C LYS A 24 27.07 7.65 -0.51
N ILE A 25 26.94 6.33 -0.47
CA ILE A 25 25.77 5.69 0.12
C ILE A 25 25.99 5.57 1.63
N GLU A 26 25.08 6.16 2.41
CA GLU A 26 25.28 6.35 3.84
C GLU A 26 24.53 5.35 4.71
N ASP A 27 23.26 5.09 4.41
CA ASP A 27 22.45 4.25 5.28
C ASP A 27 21.24 3.74 4.51
N LYS A 28 20.64 2.68 5.01
CA LYS A 28 19.36 2.21 4.50
C LYS A 28 18.26 2.92 5.26
N ILE A 29 17.30 3.49 4.55
CA ILE A 29 16.24 4.27 5.16
C ILE A 29 14.85 3.68 4.97
N GLY A 30 14.70 2.66 4.13
CA GLY A 30 13.41 2.04 3.94
C GLY A 30 13.54 0.68 3.28
N GLU A 31 12.59 -0.21 3.52
CA GLU A 31 12.60 -1.49 2.87
C GLU A 31 11.17 -1.98 2.70
N GLY A 32 10.89 -2.56 1.56
CA GLY A 32 9.62 -3.20 1.31
C GLY A 32 9.80 -4.52 0.60
N THR A 33 8.67 -5.14 0.23
CA THR A 33 8.71 -6.42 -0.46
C THR A 33 9.50 -6.34 -1.75
N PHE A 34 9.45 -5.19 -2.43
CA PHE A 34 9.95 -5.06 -3.79
C PHE A 34 11.11 -4.10 -3.93
N SER A 35 11.63 -3.53 -2.84
CA SER A 35 12.69 -2.55 -2.98
C SER A 35 13.34 -2.27 -1.63
N SER A 36 14.53 -1.67 -1.70
CA SER A 36 15.22 -1.09 -0.55
C SER A 36 15.65 0.31 -0.93
N VAL A 37 15.57 1.24 0.02
CA VAL A 37 15.85 2.65 -0.24
C VAL A 37 16.98 3.10 0.67
N TYR A 38 17.94 3.82 0.11
CA TYR A 38 19.14 4.22 0.80
C TYR A 38 19.29 5.74 0.75
N LEU A 39 19.85 6.30 1.81
CA LEU A 39 20.26 7.70 1.83
C LEU A 39 21.66 7.78 1.27
N ALA A 40 21.87 8.71 0.34
CA ALA A 40 23.17 8.94 -0.24
C ALA A 40 23.42 10.44 -0.36
N THR A 41 24.68 10.80 -0.53
CA THR A 41 25.03 12.17 -0.85
CA THR A 41 25.04 12.17 -0.84
C THR A 41 25.56 12.24 -2.27
N ALA A 42 25.27 13.35 -2.94
CA ALA A 42 25.77 13.59 -4.28
C ALA A 42 26.06 15.07 -4.41
N GLN A 43 26.88 15.40 -5.39
CA GLN A 43 27.11 16.78 -5.77
C GLN A 43 26.38 17.08 -7.07
N LEU A 44 25.72 18.24 -7.14
CA LEU A 44 25.05 18.67 -8.35
C LEU A 44 26.01 19.42 -9.25
N GLN A 45 25.88 19.24 -10.56
CA GLN A 45 26.70 20.00 -11.50
C GLN A 45 26.52 21.51 -11.34
N VAL A 46 25.27 21.97 -11.17
CA VAL A 46 25.01 23.41 -11.12
C VAL A 46 24.18 23.79 -9.90
N GLY A 47 24.39 23.09 -8.80
CA GLY A 47 23.75 23.43 -7.56
C GLY A 47 24.64 22.99 -6.42
N PRO A 48 24.13 23.02 -5.20
CA PRO A 48 24.95 22.57 -4.07
C PRO A 48 24.99 21.06 -3.96
N GLU A 49 25.63 20.58 -2.90
CA GLU A 49 25.51 19.20 -2.47
C GLU A 49 24.07 18.91 -2.11
N GLU A 50 23.61 17.69 -2.41
CA GLU A 50 22.23 17.30 -2.18
C GLU A 50 22.18 15.91 -1.55
N LYS A 51 21.24 15.69 -0.64
CA LYS A 51 20.94 14.34 -0.20
C LYS A 51 20.00 13.68 -1.22
N ILE A 52 20.24 12.40 -1.49
CA ILE A 52 19.53 11.65 -2.51
C ILE A 52 19.02 10.35 -1.91
N ALA A 53 17.81 9.95 -2.29
CA ALA A 53 17.29 8.62 -1.99
C ALA A 53 17.54 7.72 -3.19
N LEU A 54 18.21 6.60 -2.97
CA LEU A 54 18.48 5.62 -4.02
C LEU A 54 17.60 4.41 -3.75
N LYS A 55 16.71 4.10 -4.69
CA LYS A 55 15.81 2.98 -4.53
C LYS A 55 16.27 1.83 -5.41
N HIS A 56 16.68 0.73 -4.78
CA HIS A 56 17.15 -0.45 -5.48
C HIS A 56 15.96 -1.40 -5.62
N LEU A 57 15.52 -1.65 -6.85
CA LEU A 57 14.37 -2.51 -7.09
C LEU A 57 14.78 -3.98 -7.03
N ILE A 58 13.90 -4.82 -6.49
CA ILE A 58 14.24 -6.26 -6.46
C ILE A 58 14.50 -6.75 -7.88
N PRO A 59 15.57 -7.51 -8.12
CA PRO A 59 15.92 -7.88 -9.50
C PRO A 59 15.02 -8.93 -10.14
N THR A 60 13.99 -9.40 -9.44
CA THR A 60 12.95 -10.20 -10.05
C THR A 60 11.84 -9.36 -10.65
N SER A 61 11.96 -8.02 -10.59
CA SER A 61 10.95 -7.14 -11.15
C SER A 61 10.96 -7.24 -12.67
N HIS A 62 9.77 -7.33 -13.26
CA HIS A 62 9.72 -7.39 -14.70
C HIS A 62 10.05 -6.01 -15.29
N PRO A 63 10.80 -5.95 -16.38
CA PRO A 63 11.09 -4.65 -17.02
C PRO A 63 9.89 -3.74 -17.21
N ILE A 64 8.73 -4.29 -17.57
CA ILE A 64 7.57 -3.45 -17.78
C ILE A 64 7.12 -2.82 -16.46
N ARG A 65 7.26 -3.56 -15.35
CA ARG A 65 6.90 -3.04 -14.03
C ARG A 65 7.88 -1.96 -13.60
N ILE A 66 9.17 -2.18 -13.86
CA ILE A 66 10.18 -1.16 -13.59
C ILE A 66 9.88 0.10 -14.37
N ALA A 67 9.63 -0.05 -15.68
CA ALA A 67 9.39 1.11 -16.53
C ALA A 67 8.11 1.83 -16.16
N ALA A 68 7.06 1.08 -15.81
CA ALA A 68 5.81 1.70 -15.39
C ALA A 68 6.01 2.55 -14.14
N GLU A 69 6.83 2.07 -13.21
CA GLU A 69 7.11 2.87 -12.02
C GLU A 69 7.81 4.17 -12.42
N LEU A 70 8.83 4.06 -13.28
CA LEU A 70 9.51 5.26 -13.78
C LEU A 70 8.54 6.19 -14.49
N GLN A 71 7.63 5.63 -15.29
CA GLN A 71 6.67 6.46 -16.02
C GLN A 71 5.72 7.17 -15.07
N CYS A 72 5.30 6.53 -13.98
CA CYS A 72 4.52 7.23 -12.98
C CYS A 72 5.30 8.42 -12.42
N LEU A 73 6.58 8.19 -12.10
CA LEU A 73 7.37 9.24 -11.49
C LEU A 73 7.61 10.40 -12.45
N THR A 74 7.86 10.11 -13.73
CA THR A 74 8.15 11.20 -14.67
C THR A 74 6.89 11.93 -15.11
N VAL A 75 5.79 11.19 -15.34
CA VAL A 75 4.58 11.79 -15.88
C VAL A 75 3.76 12.45 -14.80
N ALA A 76 3.50 11.73 -13.70
CA ALA A 76 2.66 12.24 -12.63
C ALA A 76 3.44 12.89 -11.50
N GLY A 77 4.69 12.49 -11.29
CA GLY A 77 5.43 12.93 -10.13
C GLY A 77 6.10 14.28 -10.31
N GLY A 78 6.70 14.74 -9.22
CA GLY A 78 7.41 16.01 -9.22
C GLY A 78 6.53 17.22 -8.98
N GLN A 79 5.25 17.03 -8.67
CA GLN A 79 4.30 18.10 -8.42
C GLN A 79 3.27 17.60 -7.43
N ASP A 80 2.60 18.54 -6.75
CA ASP A 80 1.40 18.23 -5.96
C ASP A 80 1.65 17.14 -4.92
N ASN A 81 2.81 17.19 -4.28
CA ASN A 81 3.18 16.27 -3.21
C ASN A 81 3.39 14.84 -3.68
N VAL A 82 3.63 14.65 -4.98
CA VAL A 82 3.96 13.33 -5.53
C VAL A 82 5.45 13.32 -5.85
N MET A 83 6.15 12.33 -5.31
CA MET A 83 7.58 12.19 -5.57
C MET A 83 7.88 12.12 -7.07
N GLY A 84 8.98 12.78 -7.46
CA GLY A 84 9.51 12.69 -8.81
C GLY A 84 10.82 11.93 -8.85
N VAL A 85 11.46 11.97 -10.02
CA VAL A 85 12.67 11.21 -10.27
C VAL A 85 13.74 12.11 -10.86
N LYS A 86 14.98 11.96 -10.37
CA LYS A 86 16.12 12.68 -10.95
C LYS A 86 16.81 11.86 -12.04
N TYR A 87 17.16 10.61 -11.75
CA TYR A 87 17.84 9.77 -12.72
C TYR A 87 17.62 8.32 -12.35
N CYS A 88 18.12 7.43 -13.21
CA CYS A 88 17.96 6.00 -13.00
C CYS A 88 19.17 5.29 -13.59
N PHE A 89 19.70 4.34 -12.85
CA PHE A 89 20.90 3.61 -13.22
C PHE A 89 20.58 2.13 -13.31
N ARG A 90 21.01 1.51 -14.39
CA ARG A 90 20.77 0.08 -14.57
C ARG A 90 22.06 -0.63 -14.93
N LYS A 91 22.27 -1.78 -14.31
CA LYS A 91 23.20 -2.78 -14.82
C LYS A 91 22.46 -4.11 -14.81
N ASN A 92 22.18 -4.65 -15.99
CA ASN A 92 21.48 -5.93 -16.15
C ASN A 92 20.14 -5.86 -15.43
N ASP A 93 19.88 -6.73 -14.46
CA ASP A 93 18.61 -6.78 -13.74
C ASP A 93 18.59 -5.88 -12.50
N HIS A 94 19.61 -5.07 -12.28
CA HIS A 94 19.66 -4.18 -11.13
C HIS A 94 19.40 -2.75 -11.55
N VAL A 95 18.29 -2.20 -11.06
CA VAL A 95 17.85 -0.85 -11.38
C VAL A 95 17.78 -0.05 -10.10
N VAL A 96 18.39 1.14 -10.12
CA VAL A 96 18.40 2.05 -8.98
C VAL A 96 17.81 3.36 -9.44
N ILE A 97 16.73 3.79 -8.79
CA ILE A 97 16.08 5.07 -9.06
C ILE A 97 16.60 6.10 -8.07
N ALA A 98 17.08 7.23 -8.58
CA ALA A 98 17.58 8.31 -7.75
C ALA A 98 16.53 9.40 -7.69
N MET A 99 16.13 9.76 -6.47
CA MET A 99 15.09 10.73 -6.16
C MET A 99 15.58 11.71 -5.10
N PRO A 100 14.99 12.89 -5.04
CA PRO A 100 15.37 13.82 -3.97
C PRO A 100 15.03 13.23 -2.61
N TYR A 101 15.95 13.39 -1.67
CA TYR A 101 15.69 12.97 -0.29
C TYR A 101 14.90 14.05 0.42
N LEU A 102 13.85 13.65 1.12
CA LEU A 102 13.12 14.52 2.03
C LEU A 102 13.29 13.95 3.43
N GLU A 103 13.92 14.74 4.31
CA GLU A 103 13.98 14.36 5.71
C GLU A 103 12.55 14.28 6.23
N HIS A 104 12.24 13.23 6.97
CA HIS A 104 10.83 13.03 7.31
C HIS A 104 10.69 12.35 8.66
N GLU A 105 9.51 12.58 9.26
CA GLU A 105 9.18 12.10 10.59
C GLU A 105 8.93 10.59 10.57
N SER A 106 9.10 9.98 11.73
CA SER A 106 8.55 8.66 11.99
C SER A 106 7.08 8.82 12.37
N PHE A 107 6.19 8.22 11.59
CA PHE A 107 4.76 8.34 11.89
C PHE A 107 4.47 7.89 13.31
N LEU A 108 5.08 6.79 13.75
CA LEU A 108 4.78 6.27 15.09
C LEU A 108 5.25 7.23 16.15
N ASP A 109 6.41 7.86 15.94
CA ASP A 109 7.02 8.66 17.00
C ASP A 109 6.29 9.99 17.17
N ILE A 110 5.77 10.57 16.08
CA ILE A 110 5.13 11.87 16.15
C ILE A 110 3.61 11.78 16.33
N LEU A 111 3.03 10.58 16.25
CA LEU A 111 1.59 10.42 16.20
C LEU A 111 0.89 11.13 17.36
N ASN A 112 1.43 11.01 18.55
CA ASN A 112 0.76 11.60 19.70
C ASN A 112 1.43 12.90 20.15
N SER A 113 2.18 13.52 19.22
CA SER A 113 2.83 14.82 19.31
C SER A 113 2.51 15.63 18.06
N LEU A 114 1.26 15.54 17.62
CA LEU A 114 0.74 16.31 16.49
C LEU A 114 -0.49 17.06 16.96
N SER A 115 -0.61 18.32 16.52
CA SER A 115 -1.82 19.06 16.83
C SER A 115 -2.95 18.62 15.89
N PHE A 116 -4.18 18.94 16.28
CA PHE A 116 -5.29 18.69 15.38
C PHE A 116 -5.12 19.45 14.08
N GLN A 117 -4.62 20.69 14.15
CA GLN A 117 -4.41 21.45 12.92
C GLN A 117 -3.34 20.82 12.03
N GLU A 118 -2.31 20.21 12.63
CA GLU A 118 -1.34 19.48 11.82
C GLU A 118 -1.98 18.26 11.17
N VAL A 119 -2.92 17.61 11.86
CA VAL A 119 -3.67 16.52 11.24
C VAL A 119 -4.44 17.02 10.02
N ARG A 120 -5.09 18.18 10.14
CA ARG A 120 -5.80 18.73 8.98
C ARG A 120 -4.84 18.97 7.83
N GLU A 121 -3.68 19.58 8.11
CA GLU A 121 -2.73 19.88 7.05
C GLU A 121 -2.19 18.60 6.42
N TYR A 122 -1.93 17.59 7.24
CA TYR A 122 -1.45 16.32 6.71
C TYR A 122 -2.46 15.71 5.74
N MET A 123 -3.74 15.64 6.15
CA MET A 123 -4.74 15.04 5.28
C MET A 123 -4.95 15.87 4.02
N LEU A 124 -4.95 17.21 4.14
CA LEU A 124 -5.09 18.03 2.95
C LEU A 124 -4.02 17.70 1.94
N ASN A 125 -2.78 17.60 2.41
CA ASN A 125 -1.67 17.39 1.50
C ASN A 125 -1.65 15.97 0.96
N LEU A 126 -2.12 14.99 1.75
CA LEU A 126 -2.31 13.64 1.21
C LEU A 126 -3.33 13.65 0.07
N PHE A 127 -4.45 14.35 0.26
CA PHE A 127 -5.44 14.41 -0.79
C PHE A 127 -4.94 15.13 -2.04
N LYS A 128 -4.07 16.15 -1.89
CA LYS A 128 -3.50 16.76 -3.09
C LYS A 128 -2.71 15.73 -3.90
N ALA A 129 -1.92 14.91 -3.22
CA ALA A 129 -1.15 13.87 -3.90
C ALA A 129 -2.06 12.84 -4.55
N LEU A 130 -3.08 12.39 -3.82
CA LEU A 130 -3.98 11.38 -4.38
C LEU A 130 -4.80 11.93 -5.54
N LYS A 131 -5.24 13.19 -5.44
CA LYS A 131 -5.93 13.81 -6.58
C LYS A 131 -5.05 13.79 -7.81
N ARG A 132 -3.77 14.12 -7.64
CA ARG A 132 -2.83 14.14 -8.76
C ARG A 132 -2.68 12.77 -9.39
N ILE A 133 -2.38 11.74 -8.59
CA ILE A 133 -2.16 10.44 -9.20
C ILE A 133 -3.45 9.87 -9.79
N HIS A 134 -4.59 10.13 -9.15
CA HIS A 134 -5.85 9.60 -9.69
C HIS A 134 -6.24 10.28 -10.99
N GLN A 135 -5.85 11.55 -11.17
CA GLN A 135 -6.09 12.22 -12.44
C GLN A 135 -5.37 11.54 -13.60
N PHE A 136 -4.27 10.85 -13.31
CA PHE A 136 -3.56 10.08 -14.32
C PHE A 136 -4.02 8.63 -14.39
N GLY A 137 -5.04 8.28 -13.64
CA GLY A 137 -5.52 6.90 -13.65
C GLY A 137 -4.54 5.94 -13.01
N ILE A 138 -3.85 6.36 -11.96
CA ILE A 138 -2.96 5.49 -11.20
C ILE A 138 -3.69 5.06 -9.94
N VAL A 139 -3.83 3.75 -9.75
CA VAL A 139 -4.24 3.17 -8.47
C VAL A 139 -2.95 2.77 -7.77
N HIS A 140 -2.63 3.47 -6.69
CA HIS A 140 -1.34 3.30 -6.04
C HIS A 140 -1.23 1.92 -5.41
N ARG A 141 -2.28 1.51 -4.68
CA ARG A 141 -2.44 0.22 -4.00
C ARG A 141 -1.71 0.10 -2.67
N ASP A 142 -0.75 0.95 -2.39
CA ASP A 142 0.05 0.80 -1.17
C ASP A 142 0.14 2.12 -0.41
N VAL A 143 -0.96 2.86 -0.31
CA VAL A 143 -0.97 4.08 0.47
C VAL A 143 -0.94 3.72 1.95
N LYS A 144 0.01 4.29 2.67
CA LYS A 144 0.23 4.04 4.09
C LYS A 144 1.28 5.04 4.56
N PRO A 145 1.43 5.24 5.87
CA PRO A 145 2.36 6.29 6.33
C PRO A 145 3.79 6.13 5.84
N SER A 146 4.32 4.90 5.76
CA SER A 146 5.70 4.77 5.30
C SER A 146 5.87 5.16 3.84
N ASN A 147 4.79 5.28 3.06
CA ASN A 147 4.86 5.74 1.69
C ASN A 147 4.36 7.16 1.52
N PHE A 148 4.18 7.89 2.62
CA PHE A 148 3.79 9.30 2.54
C PHE A 148 4.74 10.06 3.47
N LEU A 149 5.82 10.56 2.89
CA LEU A 149 6.84 11.28 3.65
C LEU A 149 6.30 12.61 4.16
N TYR A 150 6.56 12.91 5.42
CA TYR A 150 6.05 14.13 6.04
C TYR A 150 7.19 14.80 6.80
N ASN A 151 7.45 16.05 6.48
CA ASN A 151 8.39 16.87 7.24
C ASN A 151 7.58 17.96 7.92
N ARG A 152 7.43 17.86 9.24
CA ARG A 152 6.55 18.79 9.96
C ARG A 152 7.09 20.21 9.92
N ARG A 153 8.38 20.39 10.22
CA ARG A 153 8.94 21.74 10.30
C ARG A 153 8.87 22.47 8.97
N LEU A 154 9.13 21.77 7.86
CA LEU A 154 9.10 22.38 6.54
C LEU A 154 7.72 22.36 5.90
N LYS A 155 6.76 21.65 6.48
CA LYS A 155 5.44 21.47 5.88
C LYS A 155 5.55 20.93 4.46
N LYS A 156 6.39 19.91 4.30
CA LYS A 156 6.61 19.28 3.01
C LYS A 156 6.17 17.83 3.08
N TYR A 157 5.64 17.33 1.96
CA TYR A 157 5.00 16.03 1.89
C TYR A 157 5.35 15.38 0.55
N ALA A 158 5.49 14.05 0.56
CA ALA A 158 5.72 13.33 -0.69
C ALA A 158 5.13 11.94 -0.64
N LEU A 159 4.15 11.68 -1.52
CA LEU A 159 3.69 10.32 -1.78
C LEU A 159 4.73 9.61 -2.63
N VAL A 160 5.16 8.43 -2.18
CA VAL A 160 6.20 7.67 -2.85
C VAL A 160 5.70 6.27 -3.19
N ASP A 161 6.44 5.62 -4.07
CA ASP A 161 6.40 4.18 -4.34
C ASP A 161 5.28 3.74 -5.27
N PHE A 162 5.55 3.80 -6.58
CA PHE A 162 4.66 3.30 -7.60
C PHE A 162 4.94 1.86 -7.98
N GLY A 163 5.68 1.14 -7.15
CA GLY A 163 6.07 -0.21 -7.48
C GLY A 163 4.99 -1.26 -7.42
N LEU A 164 3.80 -0.91 -6.92
CA LEU A 164 2.66 -1.83 -6.85
C LEU A 164 1.47 -1.30 -7.61
N ALA A 165 1.63 -0.19 -8.32
CA ALA A 165 0.49 0.50 -8.91
C ALA A 165 -0.17 -0.33 -10.01
N GLN A 166 -1.46 -0.06 -10.23
CA GLN A 166 -2.16 -0.56 -11.39
C GLN A 166 -2.86 0.60 -12.06
N GLY A 167 -3.16 0.44 -13.34
CA GLY A 167 -3.84 1.50 -14.06
C GLY A 167 -5.35 1.31 -14.05
N THR A 168 -6.07 2.42 -14.04
CA THR A 168 -7.48 2.37 -14.36
C THR A 168 -7.64 2.02 -15.84
N HIS A 169 -8.89 1.72 -16.23
CA HIS A 169 -9.14 1.37 -17.62
C HIS A 169 -8.68 2.46 -18.58
N ASP A 170 -8.78 3.73 -18.16
CA ASP A 170 -8.41 4.85 -19.01
C ASP A 170 -7.15 5.56 -18.49
N THR A 171 -6.21 4.79 -17.96
CA THR A 171 -5.02 5.37 -17.37
C THR A 171 -4.20 6.13 -18.40
N LYS A 172 -3.55 7.20 -17.95
CA LYS A 172 -2.66 8.00 -18.76
C LYS A 172 -1.22 7.51 -18.68
N ILE A 173 -0.96 6.51 -17.84
CA ILE A 173 0.36 5.89 -17.73
C ILE A 173 0.29 4.64 -18.60
N GLU A 174 0.74 4.77 -19.85
CA GLU A 174 0.53 3.72 -20.84
C GLU A 174 1.03 2.36 -20.35
N LEU A 175 2.22 2.34 -19.72
CA LEU A 175 2.81 1.07 -19.34
C LEU A 175 2.04 0.33 -18.25
N LEU A 176 1.24 1.05 -17.44
CA LEU A 176 0.42 0.36 -16.45
C LEU A 176 -0.60 -0.56 -17.08
N LYS A 177 -0.95 -0.34 -18.35
CA LYS A 177 -1.87 -1.24 -19.02
C LYS A 177 -1.26 -2.60 -19.27
N PHE A 178 0.06 -2.71 -19.20
CA PHE A 178 0.78 -3.93 -19.58
C PHE A 178 1.49 -4.60 -18.41
N VAL A 179 1.32 -4.09 -17.19
CA VAL A 179 1.94 -4.74 -16.04
C VAL A 179 1.16 -6.00 -15.70
N GLN A 180 1.90 -7.06 -15.38
CA GLN A 180 1.34 -8.38 -15.12
C GLN A 180 0.38 -8.38 -13.94
N PRO A 193 -12.54 -28.08 -14.61
CA PRO A 193 -13.57 -28.48 -13.64
C PRO A 193 -14.57 -27.35 -13.40
N ALA A 194 -15.66 -27.35 -14.16
CA ALA A 194 -16.62 -26.24 -14.11
C ALA A 194 -17.33 -26.19 -12.77
N SER A 195 -17.57 -24.98 -12.28
CA SER A 195 -18.27 -24.79 -11.02
C SER A 195 -19.76 -25.04 -11.17
N LEU A 196 -20.37 -25.61 -10.13
CA LEU A 196 -21.80 -25.73 -10.02
C LEU A 196 -22.29 -24.92 -8.82
N THR A 197 -23.55 -24.48 -8.87
CA THR A 197 -24.17 -23.87 -7.70
C THR A 197 -24.43 -24.93 -6.63
N CYS A 198 -24.69 -24.47 -5.41
CA CYS A 198 -25.02 -25.39 -4.33
C CYS A 198 -25.91 -24.70 -3.31
N ASP A 199 -26.49 -25.52 -2.43
CA ASP A 199 -27.42 -25.02 -1.43
C ASP A 199 -26.72 -24.52 -0.17
N CYS A 200 -25.39 -24.45 -0.17
CA CYS A 200 -24.70 -23.86 0.97
C CYS A 200 -24.72 -22.34 0.94
N TYR A 201 -25.12 -21.74 -0.19
CA TYR A 201 -24.99 -20.30 -0.36
C TYR A 201 -25.66 -19.54 0.77
N ALA A 202 -24.89 -18.62 1.39
CA ALA A 202 -25.37 -17.76 2.47
C ALA A 202 -25.76 -18.53 3.72
N THR A 203 -25.19 -19.72 3.93
CA THR A 203 -25.35 -20.49 5.16
C THR A 203 -23.98 -20.89 5.67
N ASP A 204 -23.96 -21.48 6.86
CA ASP A 204 -22.74 -22.00 7.47
C ASP A 204 -22.32 -23.36 6.92
N LYS A 205 -22.94 -23.83 5.84
CA LYS A 205 -22.67 -25.17 5.32
C LYS A 205 -21.47 -25.16 4.40
N VAL A 206 -20.83 -26.32 4.30
CA VAL A 206 -19.87 -26.64 3.24
C VAL A 206 -20.36 -27.92 2.56
N CYS A 207 -19.99 -28.08 1.30
CA CYS A 207 -20.29 -29.30 0.57
C CYS A 207 -19.21 -29.50 -0.48
N SER A 208 -19.22 -30.68 -1.12
CA SER A 208 -18.16 -30.96 -2.08
C SER A 208 -18.24 -30.07 -3.31
N ILE A 209 -19.42 -29.54 -3.62
CA ILE A 209 -19.55 -28.68 -4.80
C ILE A 209 -18.80 -27.39 -4.58
N CYS A 210 -19.12 -26.67 -3.50
CA CYS A 210 -18.50 -25.37 -3.32
C CYS A 210 -17.03 -25.49 -2.96
N LEU A 211 -16.65 -26.54 -2.21
CA LEU A 211 -15.25 -26.71 -1.84
C LEU A 211 -14.37 -27.02 -3.04
N SER A 212 -14.93 -27.65 -4.08
CA SER A 212 -14.13 -28.09 -5.20
C SER A 212 -14.01 -27.06 -6.31
N ARG A 213 -14.61 -25.87 -6.16
CA ARG A 213 -14.51 -24.85 -7.19
C ARG A 213 -13.12 -24.24 -7.20
N ARG A 214 -12.74 -23.70 -8.36
CA ARG A 214 -11.50 -22.96 -8.44
C ARG A 214 -11.58 -21.70 -7.59
N GLN A 215 -10.42 -21.23 -7.18
CA GLN A 215 -10.35 -20.02 -6.36
C GLN A 215 -10.45 -18.79 -7.25
N GLN A 216 -11.14 -17.77 -6.74
CA GLN A 216 -11.11 -16.47 -7.40
C GLN A 216 -9.76 -15.83 -7.19
N VAL A 217 -9.24 -15.21 -8.24
CA VAL A 217 -8.02 -14.42 -8.16
C VAL A 217 -8.39 -12.97 -8.45
N ALA A 218 -7.94 -12.08 -7.57
CA ALA A 218 -8.18 -10.65 -7.73
C ALA A 218 -6.95 -9.92 -7.23
N PRO A 219 -6.76 -8.68 -7.62
CA PRO A 219 -5.57 -7.95 -7.17
C PRO A 219 -5.57 -7.76 -5.67
N ARG A 220 -4.39 -7.84 -5.07
CA ARG A 220 -4.30 -7.58 -3.63
C ARG A 220 -2.93 -7.05 -3.21
N ALA A 221 -2.04 -6.70 -4.13
CA ALA A 221 -0.76 -6.17 -3.73
C ALA A 221 -0.98 -4.95 -2.85
N GLY A 222 -0.28 -4.92 -1.72
CA GLY A 222 -0.50 -3.85 -0.75
C GLY A 222 0.16 -4.22 0.55
N THR A 223 -0.43 -3.74 1.64
CA THR A 223 0.12 -3.92 2.96
C THR A 223 -0.98 -4.28 3.96
N PRO A 224 -0.72 -5.26 4.84
CA PRO A 224 -1.71 -5.64 5.85
C PRO A 224 -2.20 -4.43 6.64
N GLY A 225 -3.52 -4.33 6.77
CA GLY A 225 -4.14 -3.30 7.56
C GLY A 225 -4.60 -2.10 6.77
N PHE A 226 -4.21 -1.99 5.51
CA PHE A 226 -4.58 -0.85 4.68
C PHE A 226 -5.46 -1.23 3.49
N ARG A 227 -5.82 -2.50 3.36
CA ARG A 227 -6.60 -2.94 2.20
C ARG A 227 -8.10 -2.71 2.42
N ALA A 228 -8.75 -2.14 1.41
CA ALA A 228 -10.18 -1.88 1.44
C ALA A 228 -10.98 -3.19 1.45
N PRO A 229 -12.24 -3.16 1.90
CA PRO A 229 -13.03 -4.40 1.94
C PRO A 229 -13.17 -5.07 0.59
N GLU A 230 -13.26 -4.31 -0.50
CA GLU A 230 -13.39 -4.94 -1.82
C GLU A 230 -12.11 -5.63 -2.25
N VAL A 231 -10.96 -5.21 -1.70
CA VAL A 231 -9.70 -5.94 -1.93
C VAL A 231 -9.69 -7.22 -1.11
N LEU A 232 -10.04 -7.12 0.17
CA LEU A 232 -9.97 -8.28 1.06
C LEU A 232 -10.91 -9.39 0.60
N THR A 233 -12.01 -9.03 -0.04
CA THR A 233 -13.01 -10.00 -0.49
C THR A 233 -12.86 -10.36 -1.95
N LYS A 234 -11.74 -9.99 -2.57
CA LYS A 234 -11.36 -10.48 -3.90
C LYS A 234 -12.27 -9.95 -5.02
N CYS A 235 -12.67 -8.69 -4.95
CA CYS A 235 -13.43 -8.10 -6.04
CA CYS A 235 -13.41 -8.11 -6.05
C CYS A 235 -12.49 -7.88 -7.23
N PRO A 236 -12.83 -8.37 -8.41
CA PRO A 236 -11.91 -8.22 -9.54
C PRO A 236 -11.84 -6.81 -10.06
N ASN A 237 -12.83 -5.97 -9.78
CA ASN A 237 -12.93 -4.63 -10.37
C ASN A 237 -12.64 -3.61 -9.27
N GLN A 238 -11.37 -3.33 -9.06
CA GLN A 238 -10.93 -2.36 -8.06
C GLN A 238 -10.58 -1.04 -8.74
N THR A 239 -10.75 0.06 -7.99
CA THR A 239 -10.62 1.40 -8.55
C THR A 239 -9.72 2.23 -7.65
N THR A 240 -9.55 3.51 -8.03
CA THR A 240 -8.82 4.45 -7.17
C THR A 240 -9.45 4.58 -5.79
N ALA A 241 -10.70 4.13 -5.63
CA ALA A 241 -11.32 4.16 -4.33
C ALA A 241 -10.53 3.37 -3.30
N ILE A 242 -9.78 2.34 -3.72
CA ILE A 242 -9.02 1.59 -2.71
C ILE A 242 -7.98 2.47 -2.02
N ASP A 243 -7.43 3.46 -2.75
CA ASP A 243 -6.46 4.36 -2.14
C ASP A 243 -7.14 5.31 -1.16
N MET A 244 -8.40 5.67 -1.42
CA MET A 244 -9.12 6.54 -0.51
C MET A 244 -9.45 5.82 0.78
N TRP A 245 -9.76 4.51 0.71
CA TRP A 245 -9.86 3.72 1.92
C TRP A 245 -8.57 3.80 2.73
N SER A 246 -7.44 3.55 2.07
CA SER A 246 -6.17 3.57 2.78
C SER A 246 -5.92 4.91 3.42
N ALA A 247 -6.26 6.00 2.72
CA ALA A 247 -6.17 7.33 3.32
C ALA A 247 -7.03 7.43 4.57
N GLY A 248 -8.23 6.85 4.52
CA GLY A 248 -9.09 6.80 5.69
C GLY A 248 -8.46 6.05 6.85
N VAL A 249 -7.71 4.99 6.56
CA VAL A 249 -7.02 4.26 7.63
C VAL A 249 -5.94 5.12 8.26
N ILE A 250 -5.19 5.88 7.45
CA ILE A 250 -4.22 6.82 8.01
C ILE A 250 -4.93 7.82 8.91
N PHE A 251 -6.06 8.37 8.44
CA PHE A 251 -6.81 9.35 9.20
C PHE A 251 -7.32 8.75 10.50
N LEU A 252 -7.76 7.47 10.46
CA LEU A 252 -8.20 6.78 11.66
C LEU A 252 -7.07 6.67 12.67
N SER A 253 -5.85 6.38 12.19
CA SER A 253 -4.70 6.36 13.07
C SER A 253 -4.44 7.74 13.67
N LEU A 254 -4.52 8.79 12.85
CA LEU A 254 -4.27 10.14 13.36
C LEU A 254 -5.29 10.53 14.43
N LEU A 255 -6.56 10.17 14.23
CA LEU A 255 -7.60 10.60 15.15
C LEU A 255 -7.66 9.74 16.41
N SER A 256 -7.27 8.46 16.30
CA SER A 256 -7.30 7.54 17.44
C SER A 256 -5.98 7.46 18.18
N GLY A 257 -4.91 7.97 17.60
CA GLY A 257 -3.60 7.81 18.18
C GLY A 257 -3.03 6.40 18.13
N ARG A 258 -3.62 5.50 17.36
CA ARG A 258 -3.18 4.11 17.31
C ARG A 258 -2.58 3.80 15.95
N TYR A 259 -1.38 3.21 15.95
CA TYR A 259 -0.71 2.83 14.71
C TYR A 259 0.27 1.71 15.00
N PRO A 260 0.24 0.61 14.23
CA PRO A 260 -0.77 0.37 13.19
C PRO A 260 -2.13 0.18 13.81
N PHE A 261 -3.19 0.66 13.16
CA PHE A 261 -4.51 0.51 13.75
C PHE A 261 -4.97 -0.94 13.66
N TYR A 262 -4.96 -1.50 12.46
CA TYR A 262 -5.31 -2.89 12.26
C TYR A 262 -4.05 -3.72 12.37
N LYS A 263 -4.18 -4.93 12.87
CA LYS A 263 -3.04 -5.82 13.05
C LYS A 263 -3.53 -7.21 12.68
N ALA A 264 -3.34 -7.59 11.42
CA ALA A 264 -3.91 -8.82 10.91
C ALA A 264 -2.90 -9.51 10.00
N SER A 265 -2.76 -10.83 10.18
CA SER A 265 -1.82 -11.61 9.40
C SER A 265 -2.47 -12.30 8.21
N ASP A 266 -3.73 -11.97 7.91
CA ASP A 266 -4.39 -12.50 6.72
C ASP A 266 -5.58 -11.61 6.40
N ASP A 267 -6.08 -11.75 5.17
CA ASP A 267 -7.08 -10.82 4.65
C ASP A 267 -8.40 -10.90 5.41
N LEU A 268 -8.89 -12.10 5.70
CA LEU A 268 -10.16 -12.18 6.40
C LEU A 268 -10.04 -11.72 7.85
N THR A 269 -8.89 -11.91 8.50
CA THR A 269 -8.74 -11.33 9.83
C THR A 269 -8.84 -9.82 9.74
N ALA A 270 -8.23 -9.23 8.71
CA ALA A 270 -8.35 -7.80 8.50
C ALA A 270 -9.80 -7.40 8.28
N LEU A 271 -10.54 -8.19 7.50
CA LEU A 271 -11.95 -7.92 7.29
C LEU A 271 -12.74 -8.00 8.60
N ALA A 272 -12.46 -9.02 9.41
CA ALA A 272 -13.13 -9.14 10.70
C ALA A 272 -12.84 -7.94 11.59
N GLN A 273 -11.61 -7.43 11.57
CA GLN A 273 -11.32 -6.22 12.33
C GLN A 273 -12.09 -5.01 11.81
N ILE A 274 -12.15 -4.83 10.47
CA ILE A 274 -12.96 -3.77 9.90
C ILE A 274 -14.42 -3.88 10.33
N MET A 275 -14.93 -5.09 10.41
CA MET A 275 -16.33 -5.26 10.83
C MET A 275 -16.54 -4.90 12.29
N THR A 276 -15.52 -5.07 13.15
CA THR A 276 -15.68 -4.61 14.53
C THR A 276 -15.72 -3.10 14.62
N ILE A 277 -15.15 -2.39 13.64
CA ILE A 277 -15.16 -0.93 13.64
C ILE A 277 -16.41 -0.41 12.95
N ARG A 278 -16.69 -0.92 11.75
CA ARG A 278 -17.74 -0.39 10.90
C ARG A 278 -19.03 -1.20 10.94
N GLY A 279 -19.05 -2.35 11.62
CA GLY A 279 -20.26 -3.14 11.73
C GLY A 279 -20.33 -4.29 10.73
N SER A 280 -20.74 -5.48 11.19
CA SER A 280 -20.85 -6.60 10.26
C SER A 280 -22.03 -6.43 9.32
N ARG A 281 -23.19 -6.02 9.84
CA ARG A 281 -24.34 -5.84 8.95
C ARG A 281 -24.04 -4.82 7.88
N GLU A 282 -23.37 -3.73 8.27
CA GLU A 282 -23.02 -2.69 7.32
C GLU A 282 -22.05 -3.20 6.26
N THR A 283 -21.06 -3.98 6.68
CA THR A 283 -20.10 -4.51 5.70
C THR A 283 -20.76 -5.50 4.77
N ILE A 284 -21.62 -6.36 5.32
CA ILE A 284 -22.36 -7.33 4.52
C ILE A 284 -23.21 -6.63 3.48
N GLN A 285 -23.90 -5.56 3.89
CA GLN A 285 -24.76 -4.84 2.95
C GLN A 285 -23.94 -4.22 1.82
N ALA A 286 -22.81 -3.59 2.17
CA ALA A 286 -21.99 -2.98 1.13
C ALA A 286 -21.40 -4.04 0.20
N ALA A 287 -20.95 -5.16 0.75
CA ALA A 287 -20.30 -6.17 -0.09
C ALA A 287 -21.26 -6.76 -1.11
N LYS A 288 -22.55 -6.83 -0.76
CA LYS A 288 -23.52 -7.34 -1.71
C LYS A 288 -23.59 -6.47 -2.95
N THR A 289 -23.31 -5.17 -2.81
CA THR A 289 -23.34 -4.29 -3.98
C THR A 289 -22.19 -4.52 -4.94
N PHE A 290 -21.11 -5.16 -4.49
CA PHE A 290 -20.00 -5.50 -5.37
C PHE A 290 -19.83 -6.99 -5.56
N GLY A 291 -20.91 -7.75 -5.38
CA GLY A 291 -20.91 -9.15 -5.79
C GLY A 291 -20.40 -10.14 -4.77
N LYS A 292 -20.33 -9.78 -3.48
CA LYS A 292 -19.80 -10.68 -2.47
C LYS A 292 -20.81 -10.91 -1.36
N SER A 293 -21.06 -12.17 -1.05
CA SER A 293 -21.86 -12.57 0.11
C SER A 293 -20.92 -12.79 1.28
N ILE A 294 -21.11 -12.05 2.37
CA ILE A 294 -20.36 -12.24 3.60
C ILE A 294 -21.34 -12.74 4.66
N LEU A 295 -20.94 -13.81 5.35
CA LEU A 295 -21.70 -14.34 6.48
C LEU A 295 -20.82 -14.38 7.73
N CYS A 296 -21.29 -13.74 8.80
CA CYS A 296 -20.63 -13.77 10.10
CA CYS A 296 -20.64 -13.73 10.11
C CYS A 296 -21.45 -14.64 11.04
N SER A 297 -20.74 -15.39 11.87
CA SER A 297 -21.49 -16.26 12.79
C SER A 297 -22.08 -15.45 13.94
N LYS A 298 -21.47 -14.32 14.27
CA LYS A 298 -21.99 -13.44 15.31
C LYS A 298 -21.97 -12.01 14.79
N GLU A 299 -23.09 -11.31 14.98
CA GLU A 299 -23.21 -9.94 14.54
C GLU A 299 -22.37 -9.05 15.44
N VAL A 300 -21.71 -8.05 14.84
CA VAL A 300 -20.93 -7.07 15.58
C VAL A 300 -21.44 -5.69 15.22
N PRO A 301 -21.73 -4.83 16.20
CA PRO A 301 -22.31 -3.52 15.88
C PRO A 301 -21.26 -2.56 15.35
N ALA A 302 -21.73 -1.62 14.53
CA ALA A 302 -20.86 -0.53 14.14
C ALA A 302 -20.55 0.34 15.35
N GLN A 303 -19.35 0.90 15.36
CA GLN A 303 -18.93 1.82 16.41
C GLN A 303 -19.13 3.25 15.95
N ASP A 304 -19.51 4.11 16.89
CA ASP A 304 -19.50 5.54 16.59
C ASP A 304 -18.06 5.99 16.46
N LEU A 305 -17.74 6.66 15.35
CA LEU A 305 -16.35 6.99 15.07
C LEU A 305 -15.80 7.98 16.08
N ARG A 306 -16.58 9.00 16.44
CA ARG A 306 -16.07 9.95 17.43
C ARG A 306 -15.76 9.26 18.74
N LYS A 307 -16.70 8.47 19.26
CA LYS A 307 -16.46 7.83 20.54
C LYS A 307 -15.27 6.88 20.48
N LEU A 308 -15.14 6.13 19.38
CA LEU A 308 -14.05 5.17 19.24
C LEU A 308 -12.71 5.90 19.25
N CYS A 309 -12.59 6.93 18.42
CA CYS A 309 -11.31 7.63 18.30
C CYS A 309 -10.95 8.34 19.58
N GLU A 310 -11.93 9.02 20.19
CA GLU A 310 -11.60 9.79 21.38
C GLU A 310 -11.29 8.89 22.56
N ARG A 311 -11.94 7.73 22.64
CA ARG A 311 -11.64 6.77 23.69
C ARG A 311 -10.26 6.16 23.49
N LEU A 312 -9.88 5.89 22.25
CA LEU A 312 -8.57 5.32 22.00
C LEU A 312 -7.45 6.35 22.16
N ARG A 313 -7.71 7.61 21.79
CA ARG A 313 -6.67 8.63 21.85
CA ARG A 313 -6.66 8.62 21.86
C ARG A 313 -6.56 9.24 23.24
N GLY A 314 -7.66 9.30 23.97
CA GLY A 314 -7.73 10.06 25.20
C GLY A 314 -7.83 11.54 24.85
N ALA A 315 -9.02 12.12 24.94
CA ALA A 315 -9.20 13.52 24.58
C ALA A 315 -8.34 14.40 25.48
N GLY A 316 -7.44 15.17 24.87
CA GLY A 316 -6.47 15.96 25.61
C GLY A 316 -6.05 17.22 24.87
N ALA A 317 -4.83 17.67 25.15
CA ALA A 317 -4.35 18.95 24.62
C ALA A 317 -4.00 18.83 23.14
N GLY A 318 -4.17 19.94 22.43
CA GLY A 318 -3.77 19.99 21.03
C GLY A 318 -4.86 20.44 20.07
N GLY A 319 -5.97 20.94 20.60
CA GLY A 319 -7.19 21.04 19.81
C GLY A 319 -7.99 19.75 19.83
N TRP A 320 -7.56 18.79 20.63
CA TRP A 320 -8.11 17.45 20.67
C TRP A 320 -9.28 17.32 21.62
N ASN A 321 -9.53 18.31 22.47
CA ASN A 321 -10.72 18.36 23.32
C ASN A 321 -11.95 18.81 22.55
N GLU A 322 -11.79 19.34 21.35
CA GLU A 322 -12.90 19.86 20.57
C GLU A 322 -12.69 19.55 19.10
N VAL A 323 -12.61 18.27 18.77
CA VAL A 323 -12.53 17.87 17.36
C VAL A 323 -13.88 18.14 16.72
N PRO A 324 -13.95 18.80 15.57
CA PRO A 324 -15.24 19.12 14.96
C PRO A 324 -15.90 17.89 14.36
N ASP A 325 -17.22 17.91 14.32
CA ASP A 325 -18.00 16.85 13.69
C ASP A 325 -17.50 16.55 12.29
N GLU A 326 -17.01 17.58 11.59
CA GLU A 326 -16.58 17.44 10.21
C GLU A 326 -15.43 16.46 10.06
N ALA A 327 -14.59 16.31 11.08
CA ALA A 327 -13.51 15.33 11.01
C ALA A 327 -14.06 13.91 10.93
N TYR A 328 -15.00 13.57 11.83
CA TYR A 328 -15.54 12.22 11.83
C TYR A 328 -16.47 11.99 10.66
N ASP A 329 -17.10 13.05 10.15
CA ASP A 329 -17.88 12.90 8.93
C ASP A 329 -16.99 12.56 7.75
N LEU A 330 -15.88 13.28 7.60
CA LEU A 330 -14.95 12.93 6.53
C LEU A 330 -14.42 11.50 6.70
N LEU A 331 -14.09 11.12 7.94
CA LEU A 331 -13.61 9.75 8.17
C LEU A 331 -14.66 8.72 7.75
N ASP A 332 -15.94 9.00 8.04
CA ASP A 332 -17.01 8.09 7.63
C ASP A 332 -17.06 7.93 6.12
N LYS A 333 -16.75 9.00 5.37
CA LYS A 333 -16.80 8.95 3.92
C LYS A 333 -15.58 8.26 3.31
N LEU A 334 -14.42 8.39 3.96
CA LEU A 334 -13.23 7.68 3.50
C LEU A 334 -13.32 6.20 3.79
N LEU A 335 -13.87 5.85 4.97
CA LEU A 335 -14.10 4.46 5.34
C LEU A 335 -15.47 3.98 4.94
N ASP A 336 -15.99 4.51 3.84
CA ASP A 336 -17.22 4.00 3.27
C ASP A 336 -16.97 2.58 2.80
N LEU A 337 -17.77 1.65 3.31
CA LEU A 337 -17.61 0.25 2.97
C LEU A 337 -17.96 -0.02 1.51
N ASN A 338 -18.69 0.88 0.87
CA ASN A 338 -19.08 0.73 -0.52
C ASN A 338 -18.10 1.54 -1.38
N PRO A 339 -17.30 0.90 -2.23
CA PRO A 339 -16.32 1.66 -3.02
C PRO A 339 -16.94 2.63 -4.02
N ALA A 340 -18.19 2.39 -4.44
CA ALA A 340 -18.79 3.28 -5.43
C ALA A 340 -19.16 4.63 -4.81
N SER A 341 -19.62 4.63 -3.56
CA SER A 341 -20.00 5.88 -2.93
C SER A 341 -18.86 6.54 -2.18
N ARG A 342 -17.79 5.80 -1.88
CA ARG A 342 -16.64 6.32 -1.14
C ARG A 342 -16.13 7.62 -1.75
N ILE A 343 -15.80 8.58 -0.89
CA ILE A 343 -15.37 9.89 -1.35
C ILE A 343 -14.12 9.80 -2.23
N THR A 344 -14.02 10.67 -3.24
CA THR A 344 -12.83 10.75 -4.07
C THR A 344 -11.89 11.83 -3.51
N ALA A 345 -10.65 11.82 -3.98
CA ALA A 345 -9.67 12.80 -3.49
C ALA A 345 -10.08 14.23 -3.85
N GLU A 346 -10.58 14.43 -5.08
CA GLU A 346 -11.06 15.74 -5.49
C GLU A 346 -12.19 16.22 -4.60
N GLU A 347 -13.10 15.31 -4.24
CA GLU A 347 -14.21 15.66 -3.37
C GLU A 347 -13.74 15.93 -1.95
N ALA A 348 -12.78 15.14 -1.46
CA ALA A 348 -12.29 15.34 -0.10
C ALA A 348 -11.71 16.74 0.07
N LEU A 349 -11.01 17.25 -0.94
CA LEU A 349 -10.44 18.60 -0.86
C LEU A 349 -11.51 19.68 -0.71
N LEU A 350 -12.75 19.39 -1.10
CA LEU A 350 -13.86 20.32 -0.98
C LEU A 350 -14.67 20.10 0.29
N HIS A 351 -14.31 19.13 1.11
CA HIS A 351 -15.10 18.80 2.29
C HIS A 351 -14.95 19.91 3.34
N PRO A 352 -16.02 20.21 4.09
CA PRO A 352 -15.93 21.31 5.08
C PRO A 352 -14.94 21.07 6.19
N PHE A 353 -14.42 19.85 6.34
CA PHE A 353 -13.32 19.62 7.26
C PHE A 353 -12.16 20.57 7.00
N PHE A 354 -11.98 20.99 5.74
CA PHE A 354 -10.85 21.81 5.33
C PHE A 354 -11.18 23.29 5.26
N LYS A 355 -12.20 23.74 5.98
CA LYS A 355 -12.54 25.16 5.99
C LYS A 355 -11.35 26.00 6.46
N ASP A 356 -11.27 27.23 5.96
CA ASP A 356 -10.25 28.20 6.36
C ASP A 356 -8.85 27.79 5.96
N MET A 357 -8.70 26.95 4.94
CA MET A 357 -7.39 26.52 4.47
C MET A 357 -7.14 26.81 2.99
N SER A 358 -8.19 26.87 2.16
CA SER A 358 -8.03 27.22 0.76
C SER A 358 -7.79 28.73 0.63
N GLY B 1 -18.95 -34.60 7.69
CA GLY B 1 -17.64 -34.20 8.19
C GLY B 1 -16.58 -34.21 7.11
N PRO B 2 -15.31 -34.22 7.53
CA PRO B 2 -14.21 -34.15 6.56
C PRO B 2 -14.25 -35.23 5.50
N GLY B 3 -14.67 -36.45 5.86
CA GLY B 3 -14.61 -37.56 4.92
C GLY B 3 -15.51 -37.38 3.72
N THR B 4 -16.63 -36.70 3.90
CA THR B 4 -17.57 -36.46 2.82
C THR B 4 -17.60 -35.01 2.38
N ARG B 5 -16.71 -34.18 2.91
CA ARG B 5 -16.66 -32.76 2.54
C ARG B 5 -17.99 -32.06 2.76
N THR B 6 -18.74 -32.49 3.78
CA THR B 6 -20.09 -31.97 3.98
C THR B 6 -20.29 -31.71 5.46
N GLY B 7 -20.85 -30.55 5.79
CA GLY B 7 -21.15 -30.25 7.18
C GLY B 7 -21.35 -28.77 7.38
N ARG B 8 -21.16 -28.34 8.61
CA ARG B 8 -21.30 -26.95 8.97
C ARG B 8 -20.04 -26.45 9.64
N LEU B 9 -19.75 -25.17 9.44
CA LEU B 9 -18.55 -24.56 9.99
C LEU B 9 -18.65 -24.42 11.49
N LYS B 10 -17.60 -24.84 12.20
CA LYS B 10 -17.49 -24.56 13.62
C LYS B 10 -17.41 -23.06 13.84
N LYS B 11 -18.17 -22.56 14.83
CA LYS B 11 -18.19 -21.14 15.12
C LYS B 11 -17.12 -20.78 16.15
N PRO B 12 -16.62 -19.55 16.15
CA PRO B 12 -17.01 -18.45 15.25
C PRO B 12 -16.36 -18.53 13.87
N PHE B 13 -17.02 -17.94 12.88
CA PHE B 13 -16.48 -17.94 11.53
C PHE B 13 -16.91 -16.69 10.80
N VAL B 14 -16.18 -16.40 9.72
CA VAL B 14 -16.63 -15.53 8.65
C VAL B 14 -16.51 -16.34 7.37
N LYS B 15 -17.51 -16.20 6.48
CA LYS B 15 -17.53 -16.92 5.20
C LYS B 15 -17.81 -15.91 4.11
N VAL B 16 -17.00 -15.92 3.05
CA VAL B 16 -17.16 -15.02 1.91
C VAL B 16 -17.32 -15.85 0.65
N GLU B 17 -18.30 -15.49 -0.17
CA GLU B 17 -18.54 -16.22 -1.40
C GLU B 17 -18.98 -15.24 -2.47
N ASP B 18 -18.50 -15.44 -3.70
CA ASP B 18 -19.03 -14.66 -4.80
C ASP B 18 -20.50 -14.99 -5.04
N MET B 19 -21.28 -13.97 -5.36
CA MET B 19 -22.73 -14.13 -5.41
C MET B 19 -23.21 -15.00 -6.55
N GLN B 21 -21.73 -17.66 -7.39
CA GLN B 21 -21.40 -19.04 -6.99
C GLN B 21 -20.46 -19.74 -7.97
N LEU B 22 -19.50 -18.99 -8.51
CA LEU B 22 -18.55 -19.54 -9.47
C LEU B 22 -17.22 -19.92 -8.84
N TYR B 23 -16.91 -19.45 -7.64
CA TYR B 23 -15.60 -19.64 -7.04
C TYR B 23 -15.73 -20.26 -5.65
N ARG B 24 -14.65 -20.90 -5.21
CA ARG B 24 -14.63 -21.50 -3.89
C ARG B 24 -14.88 -20.42 -2.84
N PRO B 25 -15.74 -20.65 -1.86
CA PRO B 25 -15.81 -19.71 -0.74
C PRO B 25 -14.48 -19.67 0.00
N PHE B 26 -14.27 -18.58 0.72
CA PHE B 26 -13.12 -18.52 1.61
C PHE B 26 -13.59 -18.20 3.02
N TYR B 27 -12.87 -18.75 3.98
CA TYR B 27 -13.36 -18.85 5.35
C TYR B 27 -12.32 -18.30 6.32
N LEU B 28 -12.81 -17.82 7.45
CA LEU B 28 -12.00 -17.49 8.60
C LEU B 28 -12.60 -18.20 9.81
N GLN B 29 -11.84 -19.07 10.44
CA GLN B 29 -12.20 -19.64 11.73
C GLN B 29 -11.09 -19.36 12.71
N LEU B 30 -11.41 -18.63 13.77
CA LEU B 30 -10.49 -18.34 14.86
C LEU B 30 -11.12 -18.81 16.16
N THR B 31 -10.26 -19.09 17.14
CA THR B 31 -10.76 -19.32 18.49
C THR B 31 -11.42 -18.07 19.03
N ASN B 32 -10.74 -16.93 18.90
CA ASN B 32 -11.23 -15.63 19.35
C ASN B 32 -11.29 -14.70 18.15
N MET B 33 -12.48 -14.18 17.87
CA MET B 33 -12.61 -13.11 16.91
C MET B 33 -12.04 -11.80 17.47
N PRO B 34 -11.80 -10.81 16.61
CA PRO B 34 -11.23 -9.54 17.09
C PRO B 34 -12.11 -8.85 18.12
N PHE B 35 -11.45 -8.19 19.07
CA PHE B 35 -12.11 -7.43 20.12
C PHE B 35 -11.37 -6.11 20.23
N ILE B 36 -12.10 -5.00 20.32
CA ILE B 36 -11.46 -3.69 20.45
C ILE B 36 -10.98 -3.50 21.88
N ASN B 37 -9.66 -3.45 22.07
CA ASN B 37 -9.04 -3.30 23.38
C ASN B 37 -8.73 -1.83 23.58
N TYR B 38 -9.52 -1.15 24.41
CA TYR B 38 -9.27 0.25 24.72
C TYR B 38 -8.27 0.45 25.85
N SER B 39 -7.98 -0.60 26.61
CA SER B 39 -7.11 -0.47 27.77
C SER B 39 -5.64 -0.48 27.39
N ILE B 40 -5.29 -1.18 26.31
CA ILE B 40 -3.88 -1.23 25.89
C ILE B 40 -3.44 0.18 25.52
N GLN B 41 -2.22 0.53 25.93
CA GLN B 41 -1.79 1.92 25.84
C GLN B 41 -1.50 2.33 24.40
N LYS B 42 -1.88 3.55 24.04
CA LYS B 42 -1.51 4.03 22.73
C LYS B 42 0.01 4.12 22.64
N PRO B 43 0.59 4.01 21.43
CA PRO B 43 -0.09 3.87 20.14
C PRO B 43 -0.42 2.44 19.70
N CYS B 44 -0.46 1.48 20.63
CA CYS B 44 -0.66 0.10 20.23
C CYS B 44 -2.01 -0.10 19.55
N SER B 45 -2.04 -1.00 18.58
CA SER B 45 -3.27 -1.40 17.94
C SER B 45 -4.29 -1.86 18.98
N PRO B 46 -5.56 -1.45 18.86
CA PRO B 46 -6.59 -2.02 19.74
C PRO B 46 -6.83 -3.50 19.48
N PHE B 47 -6.25 -4.07 18.41
CA PHE B 47 -6.36 -5.49 18.12
C PHE B 47 -5.12 -6.27 18.50
N ASP B 48 -4.19 -5.65 19.19
CA ASP B 48 -2.96 -6.32 19.58
C ASP B 48 -3.22 -7.40 20.63
N LYS B 87 12.60 -17.36 -1.16
CA LYS B 87 11.22 -17.80 -1.32
C LYS B 87 10.36 -16.73 -1.98
N GLY B 88 9.89 -17.01 -3.19
CA GLY B 88 9.05 -16.05 -3.90
C GLY B 88 8.87 -16.44 -5.35
N TYR B 89 8.48 -15.45 -6.14
CA TYR B 89 8.16 -15.63 -7.55
C TYR B 89 8.91 -14.59 -8.37
N CYS B 90 9.49 -15.03 -9.49
CA CYS B 90 10.22 -14.15 -10.38
C CYS B 90 9.36 -13.82 -11.60
N GLU B 91 9.04 -12.53 -11.75
CA GLU B 91 8.20 -12.03 -12.84
C GLU B 91 8.90 -12.09 -14.18
N CYS B 92 10.22 -12.12 -14.19
CA CYS B 92 10.96 -12.19 -15.45
C CYS B 92 10.94 -13.60 -15.99
N CYS B 93 11.24 -14.57 -15.15
CA CYS B 93 11.35 -15.97 -15.56
C CYS B 93 10.02 -16.71 -15.50
N LEU B 94 8.99 -16.10 -14.92
CA LEU B 94 7.70 -16.77 -14.71
C LEU B 94 7.90 -18.08 -13.94
N GLN B 95 8.51 -17.96 -12.77
CA GLN B 95 9.01 -19.13 -12.05
C GLN B 95 9.00 -18.85 -10.56
N LYS B 96 8.40 -19.76 -9.80
CA LYS B 96 8.57 -19.72 -8.35
C LYS B 96 9.96 -20.24 -8.01
N TYR B 97 10.55 -19.68 -6.95
CA TYR B 97 11.88 -20.07 -6.51
C TYR B 97 11.87 -20.34 -5.01
N GLU B 98 12.76 -21.24 -4.58
CA GLU B 98 12.89 -21.58 -3.18
C GLU B 98 13.84 -20.65 -2.43
N ASP B 99 14.86 -20.13 -3.11
CA ASP B 99 15.82 -19.22 -2.50
C ASP B 99 16.18 -18.16 -3.53
N LEU B 100 16.09 -16.89 -3.12
CA LEU B 100 16.23 -15.79 -4.07
C LEU B 100 17.61 -15.76 -4.71
N GLU B 101 18.66 -15.84 -3.88
CA GLU B 101 20.01 -15.71 -4.42
C GLU B 101 20.38 -16.88 -5.32
N THR B 102 19.88 -18.08 -5.04
CA THR B 102 20.11 -19.18 -5.97
C THR B 102 19.35 -18.98 -7.27
N HIS B 103 18.14 -18.41 -7.21
CA HIS B 103 17.42 -18.13 -8.44
C HIS B 103 18.11 -17.07 -9.28
N LEU B 104 18.62 -16.01 -8.62
CA LEU B 104 19.34 -14.97 -9.35
C LEU B 104 20.58 -15.49 -10.04
N LEU B 105 21.02 -16.71 -9.70
CA LEU B 105 22.14 -17.36 -10.36
C LEU B 105 21.70 -18.46 -11.32
N SER B 106 20.41 -18.74 -11.41
CA SER B 106 19.92 -19.75 -12.34
C SER B 106 20.23 -19.33 -13.77
N GLU B 107 20.25 -20.33 -14.67
CA GLU B 107 20.52 -20.05 -16.06
C GLU B 107 19.40 -19.19 -16.67
N GLN B 108 18.16 -19.50 -16.33
CA GLN B 108 17.02 -18.71 -16.80
C GLN B 108 17.19 -17.25 -16.42
N HIS B 109 17.51 -16.98 -15.15
CA HIS B 109 17.49 -15.60 -14.71
C HIS B 109 18.67 -14.80 -15.25
N ARG B 110 19.87 -15.38 -15.23
CA ARG B 110 21.04 -14.71 -15.81
C ARG B 110 20.81 -14.39 -17.28
N ASN B 111 20.22 -15.32 -18.03
CA ASN B 111 19.87 -15.08 -19.42
C ASN B 111 18.97 -13.87 -19.55
N PHE B 112 17.90 -13.81 -18.74
CA PHE B 112 17.01 -12.66 -18.78
C PHE B 112 17.74 -11.38 -18.38
N ALA B 113 18.52 -11.44 -17.30
CA ALA B 113 19.16 -10.24 -16.77
C ALA B 113 20.08 -9.59 -17.79
N GLN B 114 20.69 -10.38 -18.67
CA GLN B 114 21.61 -9.86 -19.66
C GLN B 114 20.96 -9.64 -21.02
N SER B 115 19.64 -9.79 -21.11
CA SER B 115 18.94 -9.74 -22.39
C SER B 115 18.61 -8.30 -22.78
N ASN B 116 17.94 -8.16 -23.92
CA ASN B 116 17.47 -6.86 -24.40
C ASN B 116 16.08 -6.52 -23.87
N GLN B 117 15.58 -7.30 -22.92
CA GLN B 117 14.24 -7.11 -22.37
C GLN B 117 14.11 -5.84 -21.55
N TYR B 118 15.20 -5.17 -21.21
CA TYR B 118 15.12 -3.92 -20.45
C TYR B 118 15.13 -2.69 -21.35
N GLN B 119 14.97 -2.87 -22.66
CA GLN B 119 14.92 -1.72 -23.56
C GLN B 119 13.81 -0.75 -23.15
N VAL B 120 12.68 -1.27 -22.67
CA VAL B 120 11.59 -0.39 -22.25
C VAL B 120 12.01 0.49 -21.08
N VAL B 121 12.87 -0.01 -20.18
CA VAL B 121 13.42 0.81 -19.13
C VAL B 121 14.40 1.84 -19.69
N ASP B 122 15.34 1.37 -20.51
CA ASP B 122 16.38 2.26 -21.04
C ASP B 122 15.77 3.40 -21.85
N ASP B 123 14.66 3.16 -22.54
CA ASP B 123 14.04 4.21 -23.35
C ASP B 123 13.53 5.36 -22.48
N ILE B 124 13.04 5.05 -21.28
CA ILE B 124 12.63 6.11 -20.35
C ILE B 124 13.83 6.81 -19.75
N VAL B 125 14.87 6.04 -19.41
CA VAL B 125 16.06 6.62 -18.80
C VAL B 125 16.70 7.64 -19.75
N SER B 126 16.65 7.36 -21.05
CA SER B 126 17.27 8.23 -22.05
C SER B 126 16.62 9.61 -22.09
N LYS B 127 15.40 9.74 -21.57
CA LYS B 127 14.73 11.03 -21.49
C LYS B 127 15.09 11.81 -20.23
N LEU B 128 15.65 11.15 -19.22
CA LEU B 128 16.04 11.83 -17.99
C LEU B 128 17.36 12.55 -18.19
N VAL B 129 17.57 13.59 -17.39
CA VAL B 129 18.76 14.42 -17.49
C VAL B 129 19.67 14.12 -16.30
N PHE B 130 20.88 13.64 -16.59
CA PHE B 130 21.88 13.39 -15.56
C PHE B 130 22.47 14.73 -15.14
N ASP B 131 22.29 15.09 -13.88
CA ASP B 131 22.73 16.41 -13.42
C ASP B 131 23.66 16.34 -12.21
N PHE B 132 24.22 15.18 -11.91
CA PHE B 132 25.16 15.01 -10.80
C PHE B 132 26.59 15.13 -11.31
N VAL B 133 27.49 15.48 -10.40
CA VAL B 133 28.93 15.41 -10.67
C VAL B 133 29.34 13.94 -10.70
N GLU B 134 30.04 13.54 -11.77
CA GLU B 134 30.57 12.19 -11.90
C GLU B 134 32.09 12.25 -11.77
N TYR B 135 32.64 11.46 -10.84
CA TYR B 135 34.07 11.44 -10.61
C TYR B 135 34.71 10.37 -11.47
N GLU B 136 35.94 10.64 -11.92
CA GLU B 136 36.77 9.57 -12.45
C GLU B 136 37.01 8.54 -11.37
N LYS B 137 37.17 7.29 -11.80
CA LYS B 137 37.52 6.23 -10.86
C LYS B 137 38.83 6.58 -10.16
N ASP B 138 38.89 6.33 -8.85
CA ASP B 138 40.09 6.69 -8.10
C ASP B 138 41.20 5.70 -8.41
N THR B 139 42.40 6.23 -8.68
CA THR B 139 43.55 5.40 -9.01
C THR B 139 44.45 5.30 -7.79
N PRO B 140 44.68 4.10 -7.23
CA PRO B 140 45.54 3.89 -6.06
C PRO B 140 46.95 4.44 -6.25
#